data_5SZH
#
_entry.id   5SZH
#
_cell.length_a   61.750
_cell.length_b   129.380
_cell.length_c   129.850
_cell.angle_alpha   90.00
_cell.angle_beta   90.00
_cell.angle_gamma   90.00
#
_symmetry.space_group_name_H-M   'I 2 2 2'
#
loop_
_entity.id
_entity.type
_entity.pdbx_description
1 polymer 'MICAL C-terminal-like protein'
2 polymer 'Ras-related protein Rab-1B'
3 non-polymer 'PHOSPHOAMINOPHOSPHONIC ACID-GUANYLATE ESTER'
4 non-polymer 'MAGNESIUM ION'
5 water water
#
loop_
_entity_poly.entity_id
_entity_poly.type
_entity_poly.pdbx_seq_one_letter_code
_entity_poly.pdbx_strand_id
1 'polypeptide(L)'
;GHMKQEELKRLYKAQAIQRQLEEVEERQRASEIQGVRLEKALRGEADSGTQDEAQLLQEWFKLVLEKNKLMRYESELLIM
AQELELEDHQSRLEQKLREKMLKEESQKDEKDLNEEQEVFTELMQVIEQRDKLVDSLEEQRIREKAEDQHFES
;
A
2 'polypeptide(L)'
;GHMNPEYDYLFKLLLIGDSGVGKSCLLLRFADDTYTESYISTIGVDFKIRTIELDGKTIKLQIWDTAGQERFRTITSSYY
RGAHGIIVVYDVTDQESYANVKQWLQEIDRYASENVNKLLVGNKSDLTTKKVVDNTTAKEFADSLGIPFLETSAKNATNV
EQAFMTMAAEIKKRMGPGAASGGERPNLKIDSTPVKPAGGGCC
;
B
#
loop_
_chem_comp.id
_chem_comp.type
_chem_comp.name
_chem_comp.formula
GNP non-polymer 'PHOSPHOAMINOPHOSPHONIC ACID-GUANYLATE ESTER' 'C10 H17 N6 O13 P3'
MG non-polymer 'MAGNESIUM ION' 'Mg 2'
#
# COMPACT_ATOMS: atom_id res chain seq x y z
N GLY A 1 -3.32 -21.81 -5.05
CA GLY A 1 -4.01 -21.04 -4.02
C GLY A 1 -3.82 -19.53 -4.14
N HIS A 2 -4.01 -18.83 -3.03
CA HIS A 2 -3.98 -17.36 -3.01
C HIS A 2 -2.58 -16.79 -3.24
N MET A 3 -1.57 -17.42 -2.65
CA MET A 3 -0.19 -16.96 -2.75
C MET A 3 0.38 -17.08 -4.17
N LYS A 4 0.04 -18.18 -4.85
CA LYS A 4 0.52 -18.42 -6.21
C LYS A 4 -0.04 -17.39 -7.21
N GLN A 5 -1.34 -17.10 -7.13
CA GLN A 5 -1.95 -16.07 -7.96
C GLN A 5 -1.27 -14.74 -7.80
N GLU A 6 -0.95 -14.40 -6.55
CA GLU A 6 -0.35 -13.10 -6.26
C GLU A 6 1.06 -13.02 -6.89
N GLU A 7 1.80 -14.12 -6.77
CA GLU A 7 3.11 -14.21 -7.41
C GLU A 7 3.00 -14.11 -8.95
N LEU A 8 2.07 -14.86 -9.52
CA LEU A 8 1.87 -14.82 -10.97
C LEU A 8 1.55 -13.41 -11.43
N LYS A 9 0.67 -12.72 -10.70
CA LYS A 9 0.33 -11.35 -11.11
C LYS A 9 1.52 -10.41 -11.03
N ARG A 10 2.33 -10.61 -10.00
CA ARG A 10 3.52 -9.80 -9.77
C ARG A 10 4.52 -10.04 -10.90
N LEU A 11 4.73 -11.31 -11.25
CA LEU A 11 5.67 -11.68 -12.31
C LEU A 11 5.24 -11.16 -13.68
N TYR A 12 3.94 -11.21 -13.98
CA TYR A 12 3.47 -10.73 -15.26
C TYR A 12 3.74 -9.24 -15.34
N LYS A 13 3.53 -8.55 -14.23
CA LYS A 13 3.60 -7.09 -14.29
C LYS A 13 5.07 -6.64 -14.36
N ALA A 14 5.98 -7.34 -13.70
CA ALA A 14 7.40 -7.03 -13.86
C ALA A 14 7.81 -7.26 -15.32
N GLN A 15 7.39 -8.40 -15.86
CA GLN A 15 7.67 -8.75 -17.26
C GLN A 15 7.19 -7.67 -18.21
N ALA A 16 6.02 -7.08 -17.95
CA ALA A 16 5.47 -6.11 -18.89
C ALA A 16 6.20 -4.77 -18.77
N ILE A 17 6.62 -4.43 -17.56
CA ILE A 17 7.43 -3.24 -17.38
C ILE A 17 8.73 -3.41 -18.16
N GLN A 18 9.31 -4.59 -18.03
CA GLN A 18 10.56 -4.87 -18.72
C GLN A 18 10.41 -4.72 -20.25
N ARG A 19 9.27 -5.16 -20.77
CA ARG A 19 9.01 -5.08 -22.20
C ARG A 19 8.95 -3.63 -22.69
N GLN A 20 8.18 -2.80 -21.99
CA GLN A 20 8.10 -1.38 -22.32
C GLN A 20 9.47 -0.72 -22.27
N LEU A 21 10.23 -1.07 -21.25
CA LEU A 21 11.56 -0.53 -21.06
C LEU A 21 12.44 -0.91 -22.25
N GLU A 22 12.36 -2.17 -22.67
CA GLU A 22 13.14 -2.65 -23.81
C GLU A 22 12.79 -1.89 -25.08
N GLU A 23 11.51 -1.58 -25.25
CA GLU A 23 11.10 -0.88 -26.44
C GLU A 23 11.62 0.58 -26.41
N VAL A 24 11.54 1.20 -25.24
CA VAL A 24 11.99 2.58 -25.06
C VAL A 24 13.45 2.70 -25.41
N GLU A 25 14.27 1.81 -24.88
CA GLU A 25 15.72 1.86 -25.12
C GLU A 25 16.06 1.62 -26.59
N GLU A 26 15.18 0.90 -27.29
CA GLU A 26 15.37 0.69 -28.72
C GLU A 26 15.10 1.99 -29.45
N ARG A 27 13.95 2.60 -29.15
CA ARG A 27 13.60 3.91 -29.70
C ARG A 27 14.65 4.95 -29.34
N GLN A 28 15.29 4.83 -28.20
CA GLN A 28 16.37 5.77 -27.88
C GLN A 28 17.58 5.51 -28.76
N ARG A 29 17.82 4.24 -29.09
CA ARG A 29 18.94 3.87 -29.93
C ARG A 29 18.74 4.45 -31.34
N ALA A 30 17.52 4.31 -31.84
CA ALA A 30 17.19 4.75 -33.19
C ALA A 30 17.21 6.28 -33.29
N SER A 31 16.65 6.96 -32.29
CA SER A 31 16.59 8.41 -32.28
C SER A 31 17.99 9.03 -32.23
N GLU A 32 18.90 8.34 -31.55
CA GLU A 32 20.27 8.82 -31.50
C GLU A 32 20.94 8.71 -32.87
N ILE A 33 20.64 7.62 -33.58
CA ILE A 33 21.17 7.43 -34.91
C ILE A 33 20.61 8.48 -35.85
N GLN A 34 19.31 8.69 -35.78
CA GLN A 34 18.68 9.73 -36.58
C GLN A 34 19.25 11.09 -36.23
N GLY A 35 19.67 11.24 -34.98
CA GLY A 35 20.27 12.48 -34.48
C GLY A 35 21.55 12.85 -35.19
N VAL A 36 22.43 11.88 -35.36
CA VAL A 36 23.71 12.15 -36.02
C VAL A 36 23.51 12.30 -37.54
N ARG A 37 22.54 11.59 -38.10
CA ARG A 37 22.20 11.74 -39.52
C ARG A 37 21.69 13.16 -39.81
N LEU A 38 20.99 13.74 -38.85
CA LEU A 38 20.45 15.08 -39.02
C LEU A 38 21.54 16.11 -38.90
N GLU A 39 22.43 15.92 -37.94
CA GLU A 39 23.56 16.82 -37.73
C GLU A 39 24.41 16.89 -39.01
N LYS A 40 24.74 15.72 -39.55
CA LYS A 40 25.53 15.61 -40.77
C LYS A 40 24.85 16.36 -41.92
N ALA A 41 23.54 16.17 -42.05
CA ALA A 41 22.76 16.81 -43.11
C ALA A 41 22.73 18.34 -42.96
N LEU A 42 22.54 18.83 -41.74
CA LEU A 42 22.52 20.26 -41.48
C LEU A 42 23.91 20.87 -41.71
N ARG A 43 24.94 20.11 -41.38
CA ARG A 43 26.32 20.56 -41.54
C ARG A 43 26.82 20.41 -42.99
N GLY A 44 25.96 19.89 -43.87
CA GLY A 44 26.31 19.72 -45.26
C GLY A 44 27.00 18.39 -45.56
N GLU A 45 26.80 17.42 -44.69
CA GLU A 45 27.45 16.10 -44.77
C GLU A 45 28.97 16.24 -44.71
N GLN A 51 17.18 16.81 -47.57
CA GLN A 51 16.33 17.60 -48.45
C GLN A 51 16.36 19.09 -48.09
N ASP A 52 15.18 19.68 -47.98
CA ASP A 52 15.02 21.10 -47.62
C ASP A 52 15.43 21.34 -46.15
N GLU A 53 16.15 22.43 -45.90
CA GLU A 53 16.75 22.62 -44.59
C GLU A 53 15.78 23.19 -43.55
N ALA A 54 14.75 23.89 -44.00
CA ALA A 54 13.65 24.22 -43.11
C ALA A 54 13.02 22.90 -42.65
N GLN A 55 12.90 21.97 -43.58
CA GLN A 55 12.33 20.68 -43.27
C GLN A 55 13.20 19.88 -42.31
N LEU A 56 14.51 19.96 -42.48
CA LEU A 56 15.44 19.26 -41.59
C LEU A 56 15.29 19.78 -40.16
N LEU A 57 15.24 21.10 -40.07
CA LEU A 57 15.09 21.79 -38.80
C LEU A 57 13.81 21.38 -38.11
N GLN A 58 12.72 21.24 -38.86
CA GLN A 58 11.47 20.79 -38.26
C GLN A 58 11.65 19.37 -37.75
N GLU A 59 12.45 18.60 -38.46
CA GLU A 59 12.73 17.23 -38.04
C GLU A 59 13.62 17.23 -36.79
N TRP A 60 14.60 18.13 -36.76
CA TRP A 60 15.50 18.23 -35.60
C TRP A 60 14.72 18.63 -34.36
N PHE A 61 13.80 19.56 -34.54
CA PHE A 61 12.98 20.01 -33.43
C PHE A 61 12.17 18.85 -32.84
N LYS A 62 11.56 18.02 -33.69
CA LYS A 62 10.73 16.92 -33.20
C LYS A 62 11.56 15.83 -32.55
N LEU A 63 12.74 15.59 -33.09
CA LEU A 63 13.68 14.68 -32.45
C LEU A 63 13.98 15.11 -30.99
N VAL A 64 14.25 16.40 -30.78
CA VAL A 64 14.53 16.92 -29.44
C VAL A 64 13.36 16.62 -28.50
N LEU A 65 12.15 16.98 -28.93
CA LEU A 65 10.96 16.66 -28.13
C LEU A 65 10.85 15.17 -27.82
N GLU A 66 11.14 14.34 -28.83
CA GLU A 66 11.00 12.90 -28.70
C GLU A 66 12.01 12.32 -27.71
N LYS A 67 13.24 12.83 -27.72
CA LYS A 67 14.23 12.37 -26.75
C LYS A 67 13.78 12.68 -25.31
N ASN A 68 13.13 13.83 -25.12
CA ASN A 68 12.59 14.17 -23.81
C ASN A 68 11.46 13.26 -23.40
N LYS A 69 10.60 12.95 -24.36
CA LYS A 69 9.47 12.10 -24.10
C LYS A 69 9.97 10.73 -23.65
N LEU A 70 10.95 10.21 -24.39
CA LEU A 70 11.48 8.86 -24.11
C LEU A 70 12.18 8.84 -22.76
N MET A 71 12.81 9.94 -22.41
CA MET A 71 13.53 10.02 -21.16
C MET A 71 12.57 9.98 -19.98
N ARG A 72 11.48 10.73 -20.10
CA ARG A 72 10.51 10.74 -19.01
C ARG A 72 9.80 9.37 -18.94
N TYR A 73 9.59 8.71 -20.07
CA TYR A 73 8.97 7.39 -20.06
C TYR A 73 9.89 6.38 -19.40
N GLU A 74 11.17 6.41 -19.76
CA GLU A 74 12.12 5.46 -19.20
C GLU A 74 12.26 5.61 -17.68
N SER A 75 12.22 6.85 -17.22
CA SER A 75 12.41 7.12 -15.81
C SER A 75 11.19 6.69 -15.02
N GLU A 76 10.00 6.90 -15.57
CA GLU A 76 8.77 6.37 -14.96
C GLU A 76 8.80 4.84 -14.86
N LEU A 77 9.28 4.16 -15.89
CA LEU A 77 9.31 2.69 -15.88
C LEU A 77 10.33 2.17 -14.89
N LEU A 78 11.45 2.88 -14.74
CA LEU A 78 12.51 2.44 -13.84
C LEU A 78 12.05 2.50 -12.38
N ILE A 79 11.21 3.49 -12.10
CA ILE A 79 10.68 3.65 -10.76
C ILE A 79 9.66 2.54 -10.49
N MET A 80 8.78 2.29 -11.45
CA MET A 80 7.83 1.20 -11.31
C MET A 80 8.52 -0.13 -11.12
N ALA A 81 9.58 -0.37 -11.90
CA ALA A 81 10.29 -1.64 -11.77
C ALA A 81 10.91 -1.77 -10.40
N GLN A 82 11.36 -0.65 -9.85
CA GLN A 82 12.01 -0.65 -8.55
C GLN A 82 11.00 -0.99 -7.48
N GLU A 83 9.83 -0.35 -7.58
CA GLU A 83 8.74 -0.60 -6.65
C GLU A 83 8.36 -2.09 -6.66
N LEU A 84 8.28 -2.67 -7.86
CA LEU A 84 7.91 -4.07 -7.99
C LEU A 84 8.97 -4.97 -7.42
N GLU A 85 10.23 -4.61 -7.58
CA GLU A 85 11.27 -5.47 -7.00
C GLU A 85 11.23 -5.43 -5.46
N LEU A 86 10.89 -4.29 -4.88
CA LEU A 86 10.79 -4.21 -3.41
C LEU A 86 9.68 -5.15 -2.94
N GLU A 87 8.54 -5.15 -3.63
CA GLU A 87 7.40 -6.02 -3.27
C GLU A 87 7.74 -7.50 -3.42
N ASP A 88 8.46 -7.82 -4.48
CA ASP A 88 8.87 -9.19 -4.70
C ASP A 88 9.86 -9.62 -3.63
N HIS A 89 10.76 -8.72 -3.27
CA HIS A 89 11.74 -8.99 -2.25
C HIS A 89 11.04 -9.20 -0.91
N GLN A 90 10.12 -8.30 -0.58
CA GLN A 90 9.32 -8.45 0.64
C GLN A 90 8.64 -9.82 0.72
N SER A 91 8.04 -10.28 -0.39
CA SER A 91 7.32 -11.55 -0.39
C SER A 91 8.23 -12.72 -0.17
N ARG A 92 9.40 -12.72 -0.78
CA ARG A 92 10.28 -13.87 -0.54
C ARG A 92 10.82 -13.86 0.91
N LEU A 93 11.03 -12.68 1.48
CA LEU A 93 11.51 -12.58 2.86
C LEU A 93 10.46 -13.13 3.82
N GLU A 94 9.21 -12.76 3.56
CA GLU A 94 8.11 -13.19 4.41
C GLU A 94 7.96 -14.71 4.37
N GLN A 95 8.06 -15.30 3.18
CA GLN A 95 7.87 -16.73 3.08
C GLN A 95 9.09 -17.44 3.69
N LYS A 96 10.26 -16.86 3.58
CA LYS A 96 11.45 -17.45 4.18
C LYS A 96 11.29 -17.47 5.70
N LEU A 97 10.74 -16.38 6.24
CA LEU A 97 10.52 -16.25 7.67
C LEU A 97 9.40 -17.16 8.16
N ARG A 98 8.31 -17.26 7.41
CA ARG A 98 7.22 -18.15 7.81
C ARG A 98 7.71 -19.60 7.90
N GLU A 99 8.57 -19.98 6.97
CA GLU A 99 9.10 -21.34 6.96
C GLU A 99 9.99 -21.62 8.18
N LYS A 100 10.84 -20.67 8.55
CA LYS A 100 11.70 -20.86 9.72
C LYS A 100 10.86 -20.99 10.99
N MET A 101 9.74 -20.29 11.01
CA MET A 101 8.90 -20.26 12.19
C MET A 101 8.12 -21.57 12.38
N LEU A 102 7.84 -22.29 11.29
CA LEU A 102 7.12 -23.56 11.41
C LEU A 102 8.01 -24.62 12.04
N LYS A 103 9.32 -24.40 11.99
CA LYS A 103 10.27 -25.32 12.61
C LYS A 103 10.07 -25.31 14.11
N GLU A 104 9.86 -26.47 14.71
CA GLU A 104 9.57 -26.50 16.14
C GLU A 104 10.83 -26.14 16.93
N GLU A 105 10.63 -25.52 18.10
CA GLU A 105 11.70 -24.91 18.88
C GLU A 105 12.81 -25.86 19.35
N SER A 106 12.47 -27.13 19.61
CA SER A 106 13.46 -28.08 20.16
C SER A 106 14.63 -28.27 19.21
N GLN A 107 14.34 -28.51 17.93
CA GLN A 107 15.38 -28.76 16.94
C GLN A 107 16.00 -27.45 16.44
N LYS A 108 15.62 -26.34 17.06
CA LYS A 108 16.01 -25.01 16.60
C LYS A 108 17.36 -24.56 17.17
N ASP A 109 18.39 -24.74 16.36
CA ASP A 109 19.78 -24.39 16.67
C ASP A 109 19.89 -22.88 16.93
N GLU A 110 20.96 -22.47 17.62
CA GLU A 110 21.11 -21.08 18.00
C GLU A 110 21.33 -20.23 16.75
N LYS A 111 21.76 -20.86 15.67
CA LYS A 111 21.97 -20.18 14.39
C LYS A 111 20.64 -19.94 13.67
N ASP A 112 19.63 -20.77 13.96
CA ASP A 112 18.28 -20.56 13.43
C ASP A 112 17.62 -19.31 14.02
N LEU A 113 17.73 -19.16 15.34
CA LEU A 113 17.22 -17.97 16.01
C LEU A 113 17.90 -16.71 15.44
N ASN A 114 19.20 -16.79 15.21
CA ASN A 114 19.92 -15.67 14.64
C ASN A 114 19.46 -15.33 13.21
N GLU A 115 19.13 -16.35 12.42
CA GLU A 115 18.66 -16.12 11.06
C GLU A 115 17.22 -15.60 11.01
N GLU A 116 16.36 -16.06 11.92
CA GLU A 116 15.02 -15.48 12.03
C GLU A 116 15.12 -13.98 12.28
N GLN A 117 15.98 -13.59 13.23
CA GLN A 117 16.16 -12.18 13.57
C GLN A 117 16.64 -11.39 12.36
N GLU A 118 17.57 -11.98 11.61
CA GLU A 118 18.11 -11.37 10.42
C GLU A 118 17.07 -11.26 9.29
N VAL A 119 16.29 -12.32 9.07
CA VAL A 119 15.28 -12.27 8.00
C VAL A 119 14.25 -11.23 8.38
N PHE A 120 13.86 -11.20 9.66
CA PHE A 120 12.91 -10.23 10.14
C PHE A 120 13.40 -8.81 9.93
N THR A 121 14.68 -8.61 10.21
CA THR A 121 15.27 -7.27 10.05
C THR A 121 15.22 -6.81 8.61
N GLU A 122 15.65 -7.69 7.68
CA GLU A 122 15.59 -7.39 6.24
C GLU A 122 14.15 -7.11 5.79
N LEU A 123 13.20 -7.84 6.36
CA LEU A 123 11.79 -7.66 5.98
C LEU A 123 11.30 -6.26 6.37
N MET A 124 11.58 -5.85 7.60
CA MET A 124 11.15 -4.51 8.05
C MET A 124 11.85 -3.40 7.29
N GLN A 125 13.13 -3.60 6.93
CA GLN A 125 13.86 -2.62 6.13
C GLN A 125 13.29 -2.49 4.70
N VAL A 126 12.91 -3.61 4.09
CA VAL A 126 12.30 -3.55 2.77
C VAL A 126 10.99 -2.78 2.86
N ILE A 127 10.20 -3.08 3.88
CA ILE A 127 8.95 -2.35 4.07
C ILE A 127 9.23 -0.84 4.25
N GLU A 128 10.30 -0.52 4.95
CA GLU A 128 10.63 0.87 5.16
C GLU A 128 11.09 1.51 3.83
N GLN A 129 11.81 0.77 3.00
CA GLN A 129 12.16 1.31 1.68
C GLN A 129 10.92 1.56 0.82
N ARG A 130 9.91 0.68 0.91
CA ARG A 130 8.69 0.90 0.12
C ARG A 130 8.01 2.18 0.61
N ASP A 131 8.03 2.40 1.92
CA ASP A 131 7.35 3.54 2.51
C ASP A 131 8.03 4.87 2.16
N LYS A 132 9.36 4.86 2.13
CA LYS A 132 10.07 6.08 1.79
C LYS A 132 9.92 6.38 0.29
N LEU A 133 9.64 5.36 -0.50
CA LEU A 133 9.38 5.60 -1.92
C LEU A 133 8.02 6.31 -2.07
N VAL A 134 7.02 5.91 -1.30
CA VAL A 134 5.76 6.64 -1.24
C VAL A 134 5.97 8.09 -0.78
N ASP A 135 6.84 8.30 0.22
CA ASP A 135 7.06 9.62 0.78
C ASP A 135 7.83 10.54 -0.20
N SER A 136 8.69 9.92 -1.01
CA SER A 136 9.43 10.65 -2.03
C SER A 136 8.51 11.16 -3.14
N LEU A 137 7.62 10.30 -3.62
CA LEU A 137 6.61 10.71 -4.58
C LEU A 137 5.83 11.87 -4.00
N GLU A 138 5.41 11.76 -2.74
CA GLU A 138 4.57 12.80 -2.19
C GLU A 138 5.29 14.15 -2.14
N GLU A 139 6.56 14.14 -1.71
CA GLU A 139 7.40 15.34 -1.70
C GLU A 139 7.42 15.99 -3.07
N GLN A 140 7.69 15.18 -4.09
CA GLN A 140 7.72 15.65 -5.46
C GLN A 140 6.40 16.28 -5.87
N ARG A 141 5.29 15.71 -5.43
CA ARG A 141 3.98 16.28 -5.73
C ARG A 141 3.87 17.70 -5.18
N ILE A 142 4.28 17.86 -3.92
CA ILE A 142 4.19 19.12 -3.21
C ILE A 142 5.05 20.20 -3.87
N ARG A 143 6.20 19.79 -4.38
CA ARG A 143 7.11 20.73 -5.04
C ARG A 143 6.58 21.19 -6.39
N GLU A 144 6.08 20.25 -7.19
CA GLU A 144 5.52 20.59 -8.50
C GLU A 144 4.32 21.51 -8.38
N LYS A 145 3.46 21.24 -7.41
CA LYS A 145 2.33 22.11 -7.11
C LYS A 145 2.81 23.52 -6.76
N ALA A 146 3.83 23.61 -5.91
CA ALA A 146 4.35 24.90 -5.46
C ALA A 146 5.03 25.69 -6.59
N GLU A 147 5.71 24.98 -7.49
CA GLU A 147 6.34 25.61 -8.64
C GLU A 147 5.29 26.21 -9.58
N ASP A 148 4.23 25.44 -9.84
CA ASP A 148 3.15 25.89 -10.71
C ASP A 148 2.12 26.72 -9.94
N GLY B 1 4.41 4.42 -10.25
CA GLY B 1 5.39 5.18 -9.51
C GLY B 1 5.98 6.29 -10.37
N HIS B 2 5.30 7.45 -10.38
CA HIS B 2 5.54 8.49 -11.36
C HIS B 2 6.71 9.37 -10.95
N MET B 3 6.93 10.42 -11.71
CA MET B 3 7.68 11.57 -11.22
C MET B 3 6.66 12.67 -10.93
N ASN B 4 5.73 12.90 -11.84
CA ASN B 4 4.68 13.86 -11.52
C ASN B 4 3.43 13.09 -11.07
N PRO B 5 3.07 13.27 -9.80
CA PRO B 5 1.98 12.52 -9.15
C PRO B 5 0.59 13.00 -9.54
N GLU B 6 -0.22 12.08 -10.04
CA GLU B 6 -1.61 12.39 -10.38
C GLU B 6 -2.59 11.98 -9.29
N TYR B 7 -2.42 12.58 -8.12
CA TYR B 7 -3.43 12.47 -7.08
C TYR B 7 -3.38 13.81 -6.37
N ASP B 8 -4.39 14.08 -5.55
CA ASP B 8 -4.49 15.38 -4.92
C ASP B 8 -4.05 15.31 -3.46
N TYR B 9 -4.35 14.19 -2.82
CA TYR B 9 -4.05 13.97 -1.41
C TYR B 9 -3.53 12.55 -1.15
N LEU B 10 -2.62 12.43 -0.20
CA LEU B 10 -2.16 11.16 0.32
C LEU B 10 -2.61 11.01 1.77
N PHE B 11 -3.44 10.00 2.05
CA PHE B 11 -3.89 9.76 3.42
C PHE B 11 -3.29 8.45 3.87
N LYS B 12 -2.74 8.46 5.08
CA LYS B 12 -2.18 7.25 5.67
C LYS B 12 -3.20 6.68 6.68
N LEU B 13 -3.61 5.44 6.46
CA LEU B 13 -4.58 4.79 7.36
C LEU B 13 -3.94 3.63 8.09
N LEU B 14 -4.48 3.33 9.27
CA LEU B 14 -3.98 2.22 10.07
C LEU B 14 -5.14 1.32 10.52
N LEU B 15 -4.98 0.00 10.31
CA LEU B 15 -5.94 -0.97 10.84
C LEU B 15 -5.42 -1.57 12.14
N ILE B 16 -6.17 -1.44 13.22
CA ILE B 16 -5.81 -2.13 14.45
C ILE B 16 -6.98 -2.93 15.02
N GLY B 17 -6.69 -3.80 15.99
CA GLY B 17 -7.70 -4.68 16.57
C GLY B 17 -7.14 -6.06 16.84
N ASP B 18 -7.91 -6.88 17.54
CA ASP B 18 -7.42 -8.17 18.00
C ASP B 18 -7.00 -9.06 16.84
N SER B 19 -6.14 -10.01 17.12
CA SER B 19 -5.71 -10.98 16.13
C SER B 19 -6.89 -11.88 15.70
N GLY B 20 -7.10 -12.03 14.40
CA GLY B 20 -8.12 -12.94 13.89
C GLY B 20 -9.46 -12.30 13.56
N VAL B 21 -9.56 -10.99 13.78
CA VAL B 21 -10.83 -10.29 13.51
C VAL B 21 -11.01 -10.00 12.02
N GLY B 22 -9.92 -10.06 11.26
CA GLY B 22 -9.99 -9.95 9.81
C GLY B 22 -9.37 -8.72 9.20
N LYS B 23 -8.40 -8.11 9.89
CA LYS B 23 -7.76 -6.87 9.45
C LYS B 23 -7.08 -7.06 8.11
N SER B 24 -6.29 -8.11 7.99
CA SER B 24 -5.56 -8.32 6.75
C SER B 24 -6.51 -8.62 5.57
N CYS B 25 -7.59 -9.35 5.86
CA CYS B 25 -8.58 -9.68 4.83
C CYS B 25 -9.35 -8.45 4.38
N LEU B 26 -9.60 -7.51 5.28
CA LEU B 26 -10.28 -6.29 4.89
C LEU B 26 -9.38 -5.51 3.91
N LEU B 27 -8.09 -5.45 4.23
CA LEU B 27 -7.16 -4.73 3.40
C LEU B 27 -7.04 -5.39 2.03
N LEU B 28 -7.01 -6.71 2.04
CA LEU B 28 -6.91 -7.51 0.83
C LEU B 28 -8.13 -7.34 -0.04
N ARG B 29 -9.29 -7.24 0.60
CA ARG B 29 -10.54 -7.11 -0.13
C ARG B 29 -10.60 -5.71 -0.72
N PHE B 30 -10.22 -4.70 0.06
CA PHE B 30 -10.27 -3.33 -0.43
C PHE B 30 -9.21 -3.03 -1.49
N ALA B 31 -7.96 -3.40 -1.23
CA ALA B 31 -6.87 -3.04 -2.14
C ALA B 31 -6.78 -3.97 -3.35
N ASP B 32 -7.15 -5.25 -3.19
CA ASP B 32 -6.96 -6.23 -4.27
C ASP B 32 -8.20 -7.01 -4.70
N ASP B 33 -9.33 -6.74 -4.05
CA ASP B 33 -10.59 -7.46 -4.30
C ASP B 33 -10.41 -8.99 -4.35
N THR B 34 -9.66 -9.55 -3.41
CA THR B 34 -9.61 -11.00 -3.25
C THR B 34 -9.83 -11.37 -1.78
N TYR B 35 -9.78 -12.66 -1.50
CA TYR B 35 -10.05 -13.15 -0.17
C TYR B 35 -9.54 -14.55 0.04
N THR B 36 -8.76 -14.74 1.10
CA THR B 36 -8.33 -16.09 1.46
C THR B 36 -8.96 -16.56 2.78
N GLU B 37 -9.32 -17.83 2.81
CA GLU B 37 -9.81 -18.46 4.02
C GLU B 37 -8.67 -18.80 4.99
N SER B 38 -7.44 -18.77 4.48
CA SER B 38 -6.26 -19.07 5.30
C SER B 38 -6.04 -18.05 6.41
N TYR B 39 -5.66 -18.54 7.58
CA TYR B 39 -5.39 -17.71 8.72
C TYR B 39 -3.88 -17.53 8.83
N ILE B 40 -3.37 -16.51 8.14
CA ILE B 40 -1.93 -16.25 8.10
C ILE B 40 -1.62 -15.00 8.88
N SER B 41 -1.23 -15.18 10.14
CA SER B 41 -1.10 -14.05 11.04
C SER B 41 -0.04 -13.06 10.55
N THR B 42 -0.29 -11.78 10.75
CA THR B 42 0.59 -10.75 10.21
C THR B 42 1.87 -10.60 11.05
N ILE B 43 3.03 -10.56 10.39
CA ILE B 43 4.32 -10.38 11.06
C ILE B 43 4.67 -8.89 11.21
N GLY B 44 4.40 -8.33 12.39
CA GLY B 44 4.64 -6.93 12.60
C GLY B 44 3.69 -6.05 11.81
N VAL B 45 4.14 -5.55 10.67
CA VAL B 45 3.35 -4.60 9.88
C VAL B 45 3.49 -4.83 8.39
N ASP B 46 2.57 -4.22 7.62
CA ASP B 46 2.60 -4.25 6.16
C ASP B 46 1.70 -3.12 5.67
N PHE B 47 1.78 -2.74 4.39
CA PHE B 47 0.81 -1.80 3.86
C PHE B 47 0.52 -2.03 2.39
N LYS B 48 -0.65 -1.57 1.97
CA LYS B 48 -1.02 -1.56 0.57
C LYS B 48 -1.50 -0.20 0.17
N ILE B 49 -1.58 0.02 -1.13
CA ILE B 49 -2.01 1.29 -1.66
C ILE B 49 -3.23 1.14 -2.55
N ARG B 50 -4.23 1.97 -2.30
CA ARG B 50 -5.33 2.09 -3.24
C ARG B 50 -5.69 3.55 -3.41
N THR B 51 -5.94 3.95 -4.65
CA THR B 51 -6.32 5.31 -4.99
C THR B 51 -7.84 5.40 -5.16
N ILE B 52 -8.43 6.45 -4.61
CA ILE B 52 -9.87 6.64 -4.72
C ILE B 52 -10.23 8.06 -5.14
N GLU B 53 -11.52 8.27 -5.34
CA GLU B 53 -12.07 9.50 -5.89
C GLU B 53 -13.10 10.09 -4.92
N LEU B 54 -12.91 11.33 -4.50
CA LEU B 54 -13.86 11.91 -3.55
C LEU B 54 -14.13 13.38 -3.81
N ASP B 55 -15.36 13.68 -4.22
CA ASP B 55 -15.73 15.04 -4.63
C ASP B 55 -14.68 15.61 -5.57
N GLY B 56 -14.50 14.95 -6.71
CA GLY B 56 -13.60 15.45 -7.73
C GLY B 56 -12.13 15.43 -7.36
N LYS B 57 -11.83 14.87 -6.20
CA LYS B 57 -10.46 14.79 -5.73
C LYS B 57 -9.96 13.35 -5.78
N THR B 58 -8.77 13.16 -6.35
CA THR B 58 -8.15 11.84 -6.43
C THR B 58 -7.27 11.63 -5.20
N ILE B 59 -7.59 10.60 -4.41
CA ILE B 59 -6.92 10.45 -3.13
C ILE B 59 -6.20 9.12 -3.01
N LYS B 60 -4.89 9.18 -2.81
CA LYS B 60 -4.09 7.99 -2.62
C LYS B 60 -4.13 7.58 -1.16
N LEU B 61 -4.59 6.36 -0.90
CA LEU B 61 -4.63 5.82 0.46
C LEU B 61 -3.45 4.87 0.68
N GLN B 62 -2.64 5.15 1.69
CA GLN B 62 -1.61 4.21 2.09
C GLN B 62 -2.14 3.52 3.32
N ILE B 63 -2.51 2.25 3.20
CA ILE B 63 -3.20 1.59 4.33
C ILE B 63 -2.33 0.54 5.06
N TRP B 64 -2.02 0.85 6.31
CA TRP B 64 -1.14 0.01 7.11
C TRP B 64 -1.94 -1.06 7.86
N ASP B 65 -1.42 -2.27 7.79
CA ASP B 65 -2.00 -3.44 8.41
C ASP B 65 -1.07 -3.84 9.55
N THR B 66 -1.62 -4.06 10.74
CA THR B 66 -0.77 -4.36 11.90
C THR B 66 -1.13 -5.71 12.49
N ALA B 67 -0.13 -6.40 13.07
CA ALA B 67 -0.39 -7.58 13.89
C ALA B 67 -1.21 -7.20 15.15
N GLY B 68 -2.26 -7.96 15.41
CA GLY B 68 -3.07 -7.74 16.61
C GLY B 68 -2.53 -8.35 17.91
N GLN B 69 -1.67 -9.35 17.84
CA GLN B 69 -1.21 -9.94 19.10
C GLN B 69 -0.38 -8.97 19.93
N GLU B 70 -0.67 -8.97 21.24
CA GLU B 70 -0.08 -8.11 22.26
C GLU B 70 1.45 -8.18 22.21
N ARG B 71 1.93 -9.38 21.99
CA ARG B 71 3.32 -9.69 21.71
C ARG B 71 3.98 -8.73 20.67
N PHE B 72 3.19 -8.18 19.74
CA PHE B 72 3.73 -7.27 18.72
C PHE B 72 3.48 -5.79 19.01
N ARG B 73 2.94 -5.48 20.18
CA ARG B 73 2.48 -4.13 20.49
C ARG B 73 3.61 -3.10 20.42
N THR B 74 4.80 -3.48 20.86
CA THR B 74 5.92 -2.54 20.84
C THR B 74 6.29 -2.21 19.42
N ILE B 75 6.37 -3.24 18.59
CA ILE B 75 6.74 -3.08 17.18
C ILE B 75 5.72 -2.25 16.44
N THR B 76 4.42 -2.50 16.64
CA THR B 76 3.41 -1.80 15.86
C THR B 76 3.13 -0.36 16.35
N SER B 77 3.49 -0.04 17.58
CA SER B 77 3.13 1.25 18.15
C SER B 77 3.87 2.41 17.47
N SER B 78 5.06 2.15 16.92
CA SER B 78 5.81 3.15 16.14
C SER B 78 5.00 3.71 14.96
N TYR B 79 3.99 2.97 14.54
CA TYR B 79 3.32 3.31 13.30
C TYR B 79 2.05 4.12 13.52
N TYR B 80 1.70 4.39 14.78
CA TYR B 80 0.47 5.10 15.06
C TYR B 80 0.61 6.58 14.78
N ARG B 81 1.78 7.13 15.11
CA ARG B 81 1.96 8.59 15.11
C ARG B 81 1.66 9.24 13.76
N GLY B 82 2.07 8.59 12.68
CA GLY B 82 1.94 9.19 11.35
C GLY B 82 0.60 8.98 10.67
N ALA B 83 -0.33 8.28 11.32
CA ALA B 83 -1.61 7.97 10.71
C ALA B 83 -2.53 9.18 10.66
N HIS B 84 -3.26 9.34 9.57
CA HIS B 84 -4.30 10.37 9.50
C HIS B 84 -5.58 9.82 10.09
N GLY B 85 -5.78 8.51 9.94
CA GLY B 85 -6.96 7.84 10.46
C GLY B 85 -6.70 6.42 10.90
N ILE B 86 -7.31 6.05 12.03
CA ILE B 86 -7.14 4.70 12.54
C ILE B 86 -8.48 3.99 12.59
N ILE B 87 -8.54 2.83 11.97
CA ILE B 87 -9.73 1.97 12.00
C ILE B 87 -9.59 0.88 13.05
N VAL B 88 -10.47 0.86 14.05
CA VAL B 88 -10.47 -0.22 15.04
C VAL B 88 -11.46 -1.30 14.62
N VAL B 89 -10.94 -2.49 14.41
CA VAL B 89 -11.76 -3.62 13.97
C VAL B 89 -12.04 -4.62 15.09
N TYR B 90 -13.30 -5.01 15.27
CA TYR B 90 -13.63 -6.19 16.07
C TYR B 90 -14.41 -7.20 15.22
N ASP B 91 -14.66 -8.38 15.79
CA ASP B 91 -15.35 -9.48 15.13
C ASP B 91 -16.73 -9.65 15.78
N VAL B 92 -17.78 -9.50 14.98
CA VAL B 92 -19.15 -9.49 15.53
C VAL B 92 -19.53 -10.84 16.11
N THR B 93 -18.77 -11.88 15.80
CA THR B 93 -19.03 -13.21 16.34
C THR B 93 -18.17 -13.49 17.59
N ASP B 94 -17.44 -12.49 18.04
CA ASP B 94 -16.41 -12.67 19.06
C ASP B 94 -16.48 -11.56 20.12
N GLN B 95 -17.18 -11.85 21.21
CA GLN B 95 -17.50 -10.87 22.25
C GLN B 95 -16.26 -10.23 22.88
N GLU B 96 -15.21 -11.00 23.06
CA GLU B 96 -14.01 -10.51 23.73
C GLU B 96 -13.27 -9.46 22.86
N SER B 97 -13.35 -9.62 21.54
CA SER B 97 -12.70 -8.68 20.63
C SER B 97 -13.43 -7.34 20.69
N TYR B 98 -14.74 -7.37 20.86
CA TYR B 98 -15.47 -6.12 21.05
C TYR B 98 -15.10 -5.51 22.40
N ALA B 99 -14.99 -6.36 23.42
CA ALA B 99 -14.62 -5.95 24.76
C ALA B 99 -13.29 -5.18 24.78
N ASN B 100 -12.36 -5.63 23.93
CA ASN B 100 -11.03 -5.05 23.89
C ASN B 100 -10.97 -3.72 23.18
N VAL B 101 -12.05 -3.32 22.50
CA VAL B 101 -12.06 -2.07 21.76
C VAL B 101 -11.69 -0.87 22.65
N LYS B 102 -12.16 -0.86 23.89
CA LYS B 102 -11.78 0.19 24.84
C LYS B 102 -10.27 0.25 25.03
N GLN B 103 -9.63 -0.91 25.11
CA GLN B 103 -8.17 -0.96 25.20
C GLN B 103 -7.53 -0.43 23.93
N TRP B 104 -8.05 -0.80 22.76
CA TRP B 104 -7.43 -0.31 21.55
C TRP B 104 -7.57 1.20 21.46
N LEU B 105 -8.65 1.75 22.00
CA LEU B 105 -8.85 3.20 21.98
C LEU B 105 -7.83 3.89 22.85
N GLN B 106 -7.40 3.23 23.91
CA GLN B 106 -6.38 3.82 24.78
C GLN B 106 -4.98 3.71 24.17
N GLU B 107 -4.76 2.70 23.32
CA GLU B 107 -3.50 2.63 22.60
C GLU B 107 -3.39 3.80 21.64
N ILE B 108 -4.53 4.21 21.07
CA ILE B 108 -4.57 5.33 20.14
C ILE B 108 -4.25 6.65 20.86
N ASP B 109 -4.78 6.82 22.06
CA ASP B 109 -4.53 8.03 22.84
C ASP B 109 -3.07 8.13 23.26
N ARG B 110 -2.46 6.98 23.49
CA ARG B 110 -1.08 6.94 23.93
C ARG B 110 -0.09 7.19 22.80
N TYR B 111 -0.39 6.72 21.59
CA TYR B 111 0.62 6.66 20.55
C TYR B 111 0.31 7.46 19.28
N ALA B 112 -0.96 7.81 19.05
CA ALA B 112 -1.34 8.51 17.82
C ALA B 112 -1.36 10.03 17.98
N SER B 113 -1.45 10.73 16.86
CA SER B 113 -1.58 12.19 16.88
C SER B 113 -2.86 12.62 17.57
N GLU B 114 -2.87 13.85 18.07
CA GLU B 114 -3.98 14.33 18.89
C GLU B 114 -5.31 14.33 18.13
N ASN B 115 -5.26 14.66 16.85
CA ASN B 115 -6.49 14.84 16.08
C ASN B 115 -6.79 13.72 15.09
N VAL B 116 -6.20 12.55 15.30
CA VAL B 116 -6.38 11.44 14.37
C VAL B 116 -7.87 11.08 14.25
N ASN B 117 -8.33 10.77 13.05
CA ASN B 117 -9.69 10.29 12.83
C ASN B 117 -9.80 8.81 13.21
N LYS B 118 -10.99 8.40 13.63
CA LYS B 118 -11.23 7.06 14.13
C LYS B 118 -12.49 6.47 13.53
N LEU B 119 -12.50 5.17 13.29
CA LEU B 119 -13.68 4.50 12.77
C LEU B 119 -13.81 3.11 13.40
N LEU B 120 -15.02 2.72 13.76
CA LEU B 120 -15.22 1.43 14.39
C LEU B 120 -15.86 0.44 13.40
N VAL B 121 -15.23 -0.71 13.22
CA VAL B 121 -15.72 -1.69 12.25
C VAL B 121 -15.95 -3.03 12.93
N GLY B 122 -17.15 -3.58 12.74
CA GLY B 122 -17.44 -4.93 13.16
C GLY B 122 -17.41 -5.84 11.95
N ASN B 123 -16.40 -6.69 11.88
CA ASN B 123 -16.26 -7.57 10.72
C ASN B 123 -16.92 -8.94 10.91
N LYS B 124 -17.04 -9.67 9.78
CA LYS B 124 -17.62 -11.02 9.67
C LYS B 124 -19.14 -11.04 9.81
N SER B 125 -19.82 -10.08 9.19
CA SER B 125 -21.28 -10.03 9.23
C SER B 125 -21.97 -11.12 8.42
N ASP B 126 -21.21 -11.82 7.57
CA ASP B 126 -21.74 -12.97 6.83
C ASP B 126 -22.11 -14.17 7.72
N LEU B 127 -21.53 -14.26 8.91
CA LEU B 127 -21.74 -15.40 9.81
C LEU B 127 -23.00 -15.23 10.65
N THR B 128 -24.14 -15.25 9.96
CA THR B 128 -25.45 -14.91 10.54
C THR B 128 -25.77 -15.54 11.90
N THR B 129 -25.70 -16.87 11.96
CA THR B 129 -26.08 -17.59 13.17
C THR B 129 -25.05 -17.46 14.31
N LYS B 130 -23.85 -17.05 13.98
CA LYS B 130 -22.79 -16.94 14.96
C LYS B 130 -22.60 -15.52 15.52
N LYS B 131 -23.41 -14.56 15.08
CA LYS B 131 -23.25 -13.17 15.54
C LYS B 131 -23.61 -13.03 17.03
N VAL B 132 -22.79 -12.34 17.81
CA VAL B 132 -23.07 -12.17 19.25
C VAL B 132 -22.96 -10.73 19.76
N VAL B 133 -22.38 -9.84 18.96
CA VAL B 133 -22.30 -8.44 19.35
C VAL B 133 -23.41 -7.65 18.67
N ASP B 134 -24.41 -7.23 19.45
CA ASP B 134 -25.55 -6.47 18.91
C ASP B 134 -25.06 -5.17 18.32
N ASN B 135 -25.48 -4.84 17.10
CA ASN B 135 -24.99 -3.59 16.53
C ASN B 135 -25.60 -2.39 17.25
N THR B 136 -26.67 -2.61 18.01
CA THR B 136 -27.20 -1.54 18.85
C THR B 136 -26.18 -1.09 19.90
N THR B 137 -25.54 -2.04 20.57
CA THR B 137 -24.60 -1.68 21.63
C THR B 137 -23.33 -1.11 21.01
N ALA B 138 -22.90 -1.65 19.88
CA ALA B 138 -21.73 -1.10 19.20
C ALA B 138 -22.00 0.32 18.70
N LYS B 139 -23.17 0.51 18.08
CA LYS B 139 -23.52 1.80 17.53
C LYS B 139 -23.64 2.85 18.62
N GLU B 140 -24.23 2.46 19.74
CA GLU B 140 -24.45 3.42 20.82
C GLU B 140 -23.14 3.80 21.51
N PHE B 141 -22.18 2.88 21.51
CA PHE B 141 -20.85 3.19 22.02
C PHE B 141 -20.13 4.17 21.08
N ALA B 142 -20.13 3.84 19.78
CA ALA B 142 -19.48 4.66 18.77
C ALA B 142 -20.01 6.09 18.80
N ASP B 143 -21.32 6.21 18.98
CA ASP B 143 -21.99 7.49 18.97
C ASP B 143 -21.58 8.33 20.19
N SER B 144 -21.39 7.68 21.33
CA SER B 144 -21.01 8.38 22.55
C SER B 144 -19.61 8.97 22.43
N LEU B 145 -18.89 8.53 21.41
CA LEU B 145 -17.53 8.99 21.17
C LEU B 145 -17.45 9.90 19.97
N GLY B 146 -18.57 10.03 19.25
CA GLY B 146 -18.59 10.76 17.99
C GLY B 146 -17.83 10.04 16.90
N ILE B 147 -17.80 8.72 16.99
CA ILE B 147 -17.10 7.88 16.02
C ILE B 147 -18.12 7.24 15.07
N PRO B 148 -17.82 7.22 13.76
CA PRO B 148 -18.63 6.45 12.82
C PRO B 148 -18.50 4.95 13.03
N PHE B 149 -19.56 4.19 12.72
CA PHE B 149 -19.59 2.75 12.94
C PHE B 149 -20.18 2.02 11.73
N LEU B 150 -19.52 0.93 11.33
CA LEU B 150 -19.99 0.11 10.21
C LEU B 150 -19.73 -1.36 10.47
N GLU B 151 -20.62 -2.22 9.99
CA GLU B 151 -20.43 -3.67 9.97
C GLU B 151 -20.06 -4.11 8.55
N THR B 152 -19.12 -5.04 8.44
CA THR B 152 -18.58 -5.45 7.15
C THR B 152 -18.44 -6.95 7.07
N SER B 153 -18.31 -7.46 5.85
CA SER B 153 -17.82 -8.81 5.61
C SER B 153 -16.71 -8.74 4.57
N ALA B 154 -15.48 -9.02 4.98
CA ALA B 154 -14.40 -9.08 4.02
C ALA B 154 -14.66 -10.22 3.06
N LYS B 155 -15.35 -11.25 3.54
CA LYS B 155 -15.58 -12.44 2.73
C LYS B 155 -16.48 -12.21 1.53
N ASN B 156 -17.63 -11.58 1.73
CA ASN B 156 -18.52 -11.31 0.59
C ASN B 156 -18.47 -9.84 0.14
N ALA B 157 -17.59 -9.06 0.78
CA ALA B 157 -17.28 -7.65 0.43
C ALA B 157 -18.30 -6.60 0.91
N THR B 158 -19.41 -7.01 1.52
CA THR B 158 -20.41 -6.05 1.98
C THR B 158 -19.79 -4.95 2.84
N ASN B 159 -20.05 -3.71 2.42
CA ASN B 159 -19.65 -2.49 3.14
C ASN B 159 -18.17 -2.22 3.22
N VAL B 160 -17.35 -3.06 2.62
CA VAL B 160 -15.91 -2.86 2.73
C VAL B 160 -15.43 -1.57 2.06
N GLU B 161 -15.91 -1.32 0.85
CA GLU B 161 -15.52 -0.11 0.16
C GLU B 161 -16.03 1.10 0.93
N GLN B 162 -17.28 1.03 1.39
CA GLN B 162 -17.91 2.11 2.13
C GLN B 162 -17.17 2.45 3.44
N ALA B 163 -16.54 1.46 4.04
CA ALA B 163 -15.81 1.68 5.29
C ALA B 163 -14.62 2.61 5.07
N PHE B 164 -13.84 2.33 4.02
CA PHE B 164 -12.66 3.14 3.77
C PHE B 164 -13.04 4.49 3.19
N MET B 165 -14.09 4.55 2.37
CA MET B 165 -14.58 5.82 1.83
C MET B 165 -15.04 6.75 2.95
N THR B 166 -15.74 6.19 3.93
CA THR B 166 -16.22 6.92 5.09
C THR B 166 -15.05 7.47 5.89
N MET B 167 -14.02 6.65 6.06
CA MET B 167 -12.82 7.10 6.75
C MET B 167 -12.14 8.24 5.97
N ALA B 168 -12.01 8.09 4.66
CA ALA B 168 -11.35 9.11 3.85
C ALA B 168 -12.13 10.43 3.83
N ALA B 169 -13.45 10.34 3.80
CA ALA B 169 -14.25 11.54 3.81
C ALA B 169 -14.13 12.26 5.15
N GLU B 170 -13.99 11.51 6.24
CA GLU B 170 -13.81 12.12 7.55
C GLU B 170 -12.49 12.88 7.65
N ILE B 171 -11.44 12.32 7.07
CA ILE B 171 -10.14 12.97 7.06
C ILE B 171 -10.18 14.20 6.20
N LYS B 172 -10.79 14.09 5.02
CA LYS B 172 -10.81 15.18 4.08
C LYS B 172 -11.49 16.39 4.71
N LYS B 173 -12.61 16.14 5.39
CA LYS B 173 -13.35 17.19 6.08
C LYS B 173 -12.45 17.88 7.11
N ARG B 174 -11.70 17.08 7.85
CA ARG B 174 -10.77 17.58 8.84
C ARG B 174 -9.58 18.31 8.20
N MET B 175 -8.94 17.64 7.24
CA MET B 175 -7.70 18.14 6.65
C MET B 175 -7.97 19.01 5.43
PG GNP C . -3.69 -10.82 12.73
O1G GNP C . -2.85 -10.68 11.48
O2G GNP C . -3.78 -9.56 13.57
O3G GNP C . -3.06 -11.96 13.49
N3B GNP C . -5.16 -11.28 12.32
PB GNP C . -6.17 -10.56 11.31
O1B GNP C . -5.31 -9.97 10.24
O2B GNP C . -7.02 -9.55 12.00
O3A GNP C . -7.13 -11.60 10.73
PA GNP C . -7.12 -12.14 9.30
O1A GNP C . -7.50 -11.11 8.29
O2A GNP C . -5.82 -12.81 9.04
O5' GNP C . -8.21 -13.29 9.17
C5' GNP C . -8.59 -14.10 10.28
C4' GNP C . -9.47 -15.28 9.89
O4' GNP C . -10.86 -14.87 9.84
C3' GNP C . -9.14 -15.93 8.54
O3' GNP C . -9.41 -17.31 8.55
C2' GNP C . -10.13 -15.22 7.62
O2' GNP C . -10.45 -15.96 6.46
C1' GNP C . -11.36 -15.09 8.52
N9 GNP C . -12.17 -13.96 8.09
C8 GNP C . -11.73 -12.66 7.87
N7 GNP C . -12.66 -11.84 7.49
C5 GNP C . -13.81 -12.64 7.43
C6 GNP C . -15.13 -12.28 7.07
O6 GNP C . -15.55 -11.18 6.72
N1 GNP C . -15.97 -13.39 7.14
C2 GNP C . -15.58 -14.65 7.51
N2 GNP C . -16.53 -15.60 7.53
N3 GNP C . -14.35 -14.99 7.86
C4 GNP C . -13.51 -13.94 7.79
MG MG D . -3.33 -9.71 9.78
#